data_5Z5S
#
_entry.id   5Z5S
#
_cell.length_a   43.408
_cell.length_b   54.015
_cell.length_c   66.242
_cell.angle_alpha   90.00
_cell.angle_beta   106.48
_cell.angle_gamma   90.00
#
_symmetry.space_group_name_H-M   'P 1 21 1'
#
loop_
_entity.id
_entity.type
_entity.pdbx_description
1 polymer 'Peroxisome proliferator-activated receptor gamma'
2 polymer 'Peptide from Peroxisome proliferator-activated receptor gamma coactivator 1-alpha'
3 non-polymer '3-{[6-(4-chloro-3-fluorophenoxy)-1-methyl-1H-benzimidazol-2-yl]methoxy}benzoic acid'
4 non-polymer 'CHLORIDE ION'
5 water water
#
loop_
_entity_poly.entity_id
_entity_poly.type
_entity_poly.pdbx_seq_one_letter_code
_entity_poly.pdbx_strand_id
1 'polypeptide(L)'
;MRGSHHHHHHGPESADLRALAKHLYDSYIKSFPLTKAKARAILTGKTTDKSPFVIYDMNSLMMGEDKIKFKHITPLQEQS
KEVAIRIFQGCQFRSVEAVQEITEYAKSIPGFVNLDLNDQVTLLKYGVHEIIYTMLASLMNKDGVLISEGQGFMTREFLK
SLRKPFGDFMEPKFEFAVKFNALELDDSDLAIFIAVIILSGDRPGLLNVKPIEDIQDNLLQALELQLKLNHPESSQLFAK
LLQKMTDLRQIVTEHVQLLQVIKKTETDMSLHPLLQEIYKDLY
;
A
2 'polypeptide(L)' QEAEEPSLLKKLLLAPANT C
#
loop_
_chem_comp.id
_chem_comp.type
_chem_comp.name
_chem_comp.formula
CL non-polymer 'CHLORIDE ION' 'Cl -1'
RTE non-polymer '3-{[6-(4-chloro-3-fluorophenoxy)-1-methyl-1H-benzimidazol-2-yl]methoxy}benzoic acid' 'C22 H16 Cl F N2 O4'
#
# COMPACT_ATOMS: atom_id res chain seq x y z
N PRO A 12 27.39 -15.29 -9.57
CA PRO A 12 26.72 -16.33 -8.75
C PRO A 12 25.21 -16.14 -8.69
N GLU A 13 24.50 -17.16 -8.23
CA GLU A 13 23.05 -17.08 -8.10
C GLU A 13 22.75 -16.03 -7.03
N SER A 14 23.54 -16.03 -5.95
CA SER A 14 23.32 -15.05 -4.89
C SER A 14 23.61 -13.65 -5.38
N ALA A 15 24.66 -13.49 -6.19
CA ALA A 15 25.01 -12.17 -6.70
C ALA A 15 23.83 -11.62 -7.50
N ASP A 16 23.23 -12.47 -8.32
CA ASP A 16 22.08 -12.04 -9.13
C ASP A 16 20.89 -11.68 -8.24
N LEU A 17 20.74 -12.37 -7.12
CA LEU A 17 19.63 -12.06 -6.23
C LEU A 17 19.81 -10.67 -5.62
N ARG A 18 21.06 -10.25 -5.46
CA ARG A 18 21.33 -8.92 -4.91
C ARG A 18 21.10 -7.87 -6.00
N ALA A 19 21.44 -8.21 -7.24
CA ALA A 19 21.24 -7.29 -8.35
C ALA A 19 19.72 -7.10 -8.55
N LEU A 20 18.96 -8.16 -8.32
CA LEU A 20 17.51 -8.10 -8.45
C LEU A 20 16.98 -7.22 -7.33
N ALA A 21 17.50 -7.41 -6.12
CA ALA A 21 17.08 -6.62 -4.99
C ALA A 21 17.32 -5.13 -5.28
N LYS A 22 18.51 -4.81 -5.80
CA LYS A 22 18.84 -3.43 -6.11
C LYS A 22 17.95 -2.87 -7.22
N HIS A 23 17.69 -3.68 -8.24
CA HIS A 23 16.82 -3.25 -9.34
C HIS A 23 15.43 -2.87 -8.83
N LEU A 24 14.90 -3.70 -7.95
CA LEU A 24 13.58 -3.47 -7.38
C LEU A 24 13.59 -2.20 -6.54
N TYR A 25 14.65 -2.01 -5.76
CA TYR A 25 14.76 -0.81 -4.95
C TYR A 25 14.78 0.44 -5.83
N ASP A 26 15.62 0.44 -6.86
CA ASP A 26 15.68 1.60 -7.75
C ASP A 26 14.33 1.85 -8.41
N SER A 27 13.65 0.78 -8.80
CA SER A 27 12.34 0.89 -9.43
C SER A 27 11.34 1.47 -8.43
N TYR A 28 11.42 0.99 -7.20
CA TYR A 28 10.57 1.43 -6.10
C TYR A 28 10.74 2.95 -5.89
N ILE A 29 11.98 3.41 -5.92
CA ILE A 29 12.25 4.85 -5.76
C ILE A 29 11.65 5.65 -6.92
N LYS A 30 11.70 5.11 -8.13
CA LYS A 30 11.14 5.82 -9.29
C LYS A 30 9.61 5.86 -9.28
N SER A 31 9.00 4.83 -8.72
CA SER A 31 7.54 4.71 -8.72
C SER A 31 6.79 5.34 -7.54
N PHE A 32 7.44 5.44 -6.39
CA PHE A 32 6.77 5.97 -5.21
C PHE A 32 7.44 7.25 -4.72
N PRO A 33 6.80 8.40 -4.97
CA PRO A 33 7.38 9.68 -4.54
C PRO A 33 7.73 9.82 -3.06
N LEU A 34 6.89 9.30 -2.17
CA LEU A 34 7.18 9.39 -0.73
C LEU A 34 7.58 8.04 -0.16
N THR A 35 8.87 7.89 0.08
CA THR A 35 9.47 6.66 0.62
C THR A 35 9.35 6.60 2.13
N LYS A 36 9.65 5.43 2.70
CA LYS A 36 9.58 5.29 4.15
C LYS A 36 10.68 6.10 4.82
N ALA A 37 11.86 6.15 4.18
CA ALA A 37 12.98 6.89 4.77
C ALA A 37 12.59 8.35 4.98
N LYS A 38 12.08 8.98 3.93
CA LYS A 38 11.66 10.38 3.99
C LYS A 38 10.50 10.54 4.96
N ALA A 39 9.55 9.60 4.91
CA ALA A 39 8.40 9.66 5.77
C ALA A 39 8.75 9.60 7.26
N ARG A 40 9.66 8.70 7.65
CA ARG A 40 10.01 8.62 9.07
C ARG A 40 10.76 9.88 9.48
N ALA A 41 11.48 10.49 8.54
CA ALA A 41 12.22 11.72 8.81
C ALA A 41 11.22 12.80 9.17
N ILE A 42 10.11 12.84 8.44
CA ILE A 42 9.06 13.81 8.71
C ILE A 42 8.40 13.52 10.05
N LEU A 43 8.12 12.24 10.29
CA LEU A 43 7.46 11.80 11.53
C LEU A 43 8.32 11.93 12.78
N THR A 44 9.63 11.93 12.64
CA THR A 44 10.49 12.05 13.80
C THR A 44 11.02 13.48 13.95
N GLY A 45 10.55 14.37 13.07
CA GLY A 45 10.95 15.75 13.11
C GLY A 45 12.39 16.05 12.73
N LYS A 46 12.88 15.41 11.66
CA LYS A 46 14.26 15.63 11.22
C LYS A 46 14.37 16.30 9.85
N THR A 47 13.27 16.30 9.11
CA THR A 47 13.26 16.90 7.77
C THR A 47 13.56 18.39 7.80
N THR A 48 14.06 18.90 6.68
CA THR A 48 14.37 20.32 6.57
C THR A 48 13.23 20.95 5.77
N ASP A 49 12.43 20.10 5.12
CA ASP A 49 11.29 20.57 4.33
C ASP A 49 10.20 21.19 5.21
N LYS A 50 9.14 21.64 4.56
CA LYS A 50 8.00 22.26 5.25
C LYS A 50 7.30 21.21 6.11
N SER A 51 7.12 21.53 7.38
CA SER A 51 6.48 20.61 8.31
C SER A 51 5.03 20.37 7.91
N PRO A 52 4.52 19.16 8.16
CA PRO A 52 3.13 18.86 7.81
C PRO A 52 2.15 19.65 8.65
N PHE A 53 1.04 20.03 8.02
CA PHE A 53 0.00 20.76 8.72
C PHE A 53 -0.80 19.71 9.47
N VAL A 54 -0.96 19.88 10.76
CA VAL A 54 -1.67 18.91 11.58
C VAL A 54 -3.18 19.08 11.61
N ILE A 55 -3.89 18.02 11.26
CA ILE A 55 -5.35 18.02 11.28
C ILE A 55 -5.77 17.12 12.44
N TYR A 56 -6.27 17.75 13.50
CA TYR A 56 -6.69 17.03 14.71
C TYR A 56 -8.14 17.27 15.13
N ASP A 57 -8.85 18.13 14.40
CA ASP A 57 -10.24 18.40 14.73
C ASP A 57 -10.97 19.04 13.56
N MET A 58 -12.27 19.27 13.73
CA MET A 58 -13.06 19.87 12.66
C MET A 58 -12.53 21.23 12.21
N ASN A 59 -12.09 22.05 13.17
CA ASN A 59 -11.58 23.37 12.85
C ASN A 59 -10.28 23.34 12.05
N SER A 60 -9.35 22.45 12.42
CA SER A 60 -8.08 22.35 11.71
C SER A 60 -8.27 21.66 10.36
N LEU A 61 -9.32 20.85 10.24
CA LEU A 61 -9.59 20.18 8.98
C LEU A 61 -9.98 21.30 8.01
N MET A 62 -10.75 22.26 8.51
CA MET A 62 -11.18 23.38 7.69
C MET A 62 -9.95 24.18 7.26
N MET A 63 -9.07 24.49 8.20
CA MET A 63 -7.86 25.24 7.89
C MET A 63 -7.00 24.47 6.88
N GLY A 64 -6.79 23.18 7.16
CA GLY A 64 -5.97 22.38 6.26
C GLY A 64 -6.53 22.26 4.86
N GLU A 65 -7.86 22.31 4.75
CA GLU A 65 -8.53 22.21 3.46
C GLU A 65 -8.16 23.35 2.52
N ASP A 66 -7.31 24.25 3.01
CA ASP A 66 -6.87 25.39 2.22
C ASP A 66 -5.35 25.34 2.10
N LYS A 67 -4.71 24.75 3.10
CA LYS A 67 -3.26 24.63 3.13
C LYS A 67 -2.78 23.49 2.24
N ILE A 68 -3.43 22.34 2.37
CA ILE A 68 -3.05 21.18 1.60
C ILE A 68 -3.55 21.24 0.16
N SER A 80 -19.54 20.59 0.46
CA SER A 80 -20.96 20.26 0.50
C SER A 80 -21.22 18.99 1.32
N LYS A 81 -20.38 17.98 1.11
CA LYS A 81 -20.52 16.71 1.82
C LYS A 81 -20.07 16.80 3.27
N GLU A 82 -20.62 15.93 4.12
CA GLU A 82 -20.25 15.91 5.52
C GLU A 82 -18.78 15.49 5.65
N VAL A 83 -18.14 15.88 6.75
CA VAL A 83 -16.75 15.56 6.99
C VAL A 83 -16.43 14.07 6.88
N ALA A 84 -17.26 13.23 7.49
CA ALA A 84 -17.05 11.78 7.46
C ALA A 84 -16.94 11.23 6.05
N ILE A 85 -17.81 11.69 5.14
CA ILE A 85 -17.78 11.23 3.77
C ILE A 85 -16.62 11.85 3.01
N ARG A 86 -16.33 13.12 3.30
CA ARG A 86 -15.24 13.82 2.65
C ARG A 86 -13.91 13.13 2.95
N ILE A 87 -13.73 12.71 4.21
CA ILE A 87 -12.51 12.04 4.59
C ILE A 87 -12.42 10.67 3.92
N PHE A 88 -13.50 9.90 4.00
CA PHE A 88 -13.53 8.58 3.38
C PHE A 88 -13.24 8.66 1.88
N GLN A 89 -13.85 9.63 1.21
CA GLN A 89 -13.62 9.77 -0.22
C GLN A 89 -12.20 10.27 -0.49
N GLY A 90 -11.63 10.98 0.46
CA GLY A 90 -10.28 11.48 0.32
C GLY A 90 -9.32 10.31 0.29
N CYS A 91 -9.56 9.32 1.14
CA CYS A 91 -8.72 8.12 1.19
C CYS A 91 -8.87 7.38 -0.13
N GLN A 92 -10.09 7.36 -0.67
CA GLN A 92 -10.35 6.69 -1.94
C GLN A 92 -9.55 7.34 -3.06
N PHE A 93 -9.53 8.66 -3.07
CA PHE A 93 -8.78 9.36 -4.10
C PHE A 93 -7.28 9.09 -3.97
N ARG A 94 -6.78 9.00 -2.75
CA ARG A 94 -5.36 8.70 -2.58
C ARG A 94 -5.13 7.27 -3.06
N SER A 95 -6.12 6.40 -2.85
CA SER A 95 -5.99 5.01 -3.27
C SER A 95 -5.88 4.95 -4.80
N VAL A 96 -6.65 5.78 -5.50
CA VAL A 96 -6.60 5.80 -6.95
C VAL A 96 -5.18 6.17 -7.39
N GLU A 97 -4.60 7.15 -6.74
CA GLU A 97 -3.25 7.59 -7.05
C GLU A 97 -2.25 6.46 -6.77
N ALA A 98 -2.43 5.79 -5.63
CA ALA A 98 -1.55 4.69 -5.22
C ALA A 98 -1.60 3.51 -6.19
N VAL A 99 -2.80 3.19 -6.66
CA VAL A 99 -2.95 2.09 -7.62
C VAL A 99 -2.10 2.36 -8.85
N GLN A 100 -2.07 3.62 -9.29
CA GLN A 100 -1.29 3.95 -10.47
C GLN A 100 0.22 3.85 -10.21
N GLU A 101 0.64 4.24 -9.01
CA GLU A 101 2.06 4.15 -8.65
C GLU A 101 2.45 2.67 -8.57
N ILE A 102 1.59 1.87 -7.95
CA ILE A 102 1.84 0.43 -7.78
C ILE A 102 1.89 -0.27 -9.15
N THR A 103 1.03 0.17 -10.07
CA THR A 103 1.00 -0.41 -11.39
C THR A 103 2.34 -0.12 -12.09
N GLU A 104 2.86 1.09 -11.93
CA GLU A 104 4.14 1.43 -12.54
C GLU A 104 5.26 0.62 -11.93
N TYR A 105 5.17 0.34 -10.65
CA TYR A 105 6.17 -0.47 -9.99
C TYR A 105 6.11 -1.92 -10.48
N ALA A 106 4.90 -2.45 -10.58
CA ALA A 106 4.71 -3.83 -11.03
C ALA A 106 5.34 -4.05 -12.40
N LYS A 107 5.17 -3.09 -13.31
CA LYS A 107 5.73 -3.19 -14.66
C LYS A 107 7.26 -3.28 -14.68
N SER A 108 7.90 -2.94 -13.57
CA SER A 108 9.35 -3.00 -13.49
C SER A 108 9.83 -4.34 -12.93
N ILE A 109 8.91 -5.16 -12.42
CA ILE A 109 9.34 -6.45 -11.87
C ILE A 109 9.67 -7.35 -13.06
N PRO A 110 10.92 -7.84 -13.14
CA PRO A 110 11.35 -8.71 -14.25
C PRO A 110 10.35 -9.81 -14.58
N GLY A 111 9.91 -9.83 -15.84
CA GLY A 111 8.96 -10.83 -16.30
C GLY A 111 7.49 -10.44 -16.25
N PHE A 112 7.16 -9.43 -15.43
CA PHE A 112 5.77 -9.00 -15.28
C PHE A 112 5.09 -8.56 -16.57
N VAL A 113 5.75 -7.71 -17.35
CA VAL A 113 5.10 -7.24 -18.58
C VAL A 113 4.96 -8.31 -19.64
N ASN A 114 5.72 -9.40 -19.51
CA ASN A 114 5.62 -10.50 -20.47
C ASN A 114 4.54 -11.52 -20.08
N LEU A 115 3.91 -11.34 -18.93
CA LEU A 115 2.85 -12.25 -18.53
C LEU A 115 1.60 -11.93 -19.37
N ASP A 116 0.71 -12.90 -19.47
CA ASP A 116 -0.56 -12.71 -20.18
C ASP A 116 -1.14 -11.41 -19.61
N LEU A 117 -1.59 -10.50 -20.48
CA LEU A 117 -2.10 -9.22 -20.00
C LEU A 117 -3.29 -9.31 -19.04
N ASN A 118 -4.18 -10.27 -19.24
CA ASN A 118 -5.31 -10.40 -18.32
C ASN A 118 -4.81 -10.86 -16.95
N ASP A 119 -3.73 -11.61 -16.93
CA ASP A 119 -3.16 -12.05 -15.65
C ASP A 119 -2.50 -10.86 -14.95
N GLN A 120 -1.93 -9.93 -15.71
CA GLN A 120 -1.33 -8.74 -15.08
C GLN A 120 -2.45 -7.97 -14.40
N VAL A 121 -3.58 -7.84 -15.10
CA VAL A 121 -4.72 -7.13 -14.56
C VAL A 121 -5.16 -7.81 -13.26
N THR A 122 -5.31 -9.13 -13.33
CA THR A 122 -5.74 -9.90 -12.20
C THR A 122 -4.82 -9.73 -10.99
N LEU A 123 -3.51 -9.82 -11.22
CA LEU A 123 -2.57 -9.65 -10.12
C LEU A 123 -2.74 -8.29 -9.46
N LEU A 124 -2.93 -7.25 -10.25
CA LEU A 124 -3.10 -5.92 -9.68
C LEU A 124 -4.45 -5.79 -8.99
N LYS A 125 -5.50 -6.25 -9.66
CA LYS A 125 -6.84 -6.16 -9.09
C LYS A 125 -6.90 -6.74 -7.68
N TYR A 126 -6.34 -7.93 -7.51
CA TYR A 126 -6.41 -8.56 -6.20
C TYR A 126 -5.26 -8.24 -5.25
N GLY A 127 -4.21 -7.59 -5.77
CA GLY A 127 -3.07 -7.28 -4.92
C GLY A 127 -2.86 -5.84 -4.50
N VAL A 128 -3.41 -4.87 -5.24
CA VAL A 128 -3.18 -3.47 -4.89
C VAL A 128 -3.50 -3.01 -3.47
N HIS A 129 -4.63 -3.42 -2.90
CA HIS A 129 -4.93 -2.97 -1.54
C HIS A 129 -3.93 -3.50 -0.52
N GLU A 130 -3.49 -4.73 -0.72
CA GLU A 130 -2.50 -5.30 0.19
C GLU A 130 -1.22 -4.46 0.13
N ILE A 131 -0.89 -3.97 -1.06
CA ILE A 131 0.29 -3.13 -1.21
C ILE A 131 0.02 -1.74 -0.62
N ILE A 132 -1.17 -1.22 -0.87
CA ILE A 132 -1.53 0.10 -0.32
C ILE A 132 -1.38 0.07 1.22
N TYR A 133 -1.89 -0.96 1.88
CA TYR A 133 -1.80 -0.96 3.33
C TYR A 133 -0.38 -1.17 3.84
N THR A 134 0.45 -1.83 3.04
CA THR A 134 1.84 -2.05 3.41
C THR A 134 2.55 -0.70 3.43
N MET A 135 2.37 0.06 2.36
CA MET A 135 3.02 1.36 2.21
C MET A 135 2.44 2.42 3.12
N LEU A 136 1.17 2.29 3.43
CA LEU A 136 0.49 3.24 4.32
C LEU A 136 1.18 3.17 5.68
N ALA A 137 1.55 1.96 6.09
CA ALA A 137 2.22 1.78 7.37
C ALA A 137 3.48 2.65 7.44
N SER A 138 4.14 2.84 6.31
CA SER A 138 5.36 3.67 6.27
C SER A 138 5.08 5.13 6.65
N LEU A 139 3.85 5.58 6.44
CA LEU A 139 3.45 6.95 6.73
C LEU A 139 2.73 7.10 8.06
N MET A 140 2.65 6.01 8.82
CA MET A 140 1.95 6.02 10.09
C MET A 140 2.79 5.77 11.33
N ASN A 141 2.31 6.32 12.44
CA ASN A 141 2.89 6.06 13.74
C ASN A 141 1.67 5.86 14.62
N LYS A 142 1.89 5.60 15.90
CA LYS A 142 0.78 5.38 16.82
C LYS A 142 -0.18 6.56 16.92
N ASP A 143 0.29 7.76 16.59
CA ASP A 143 -0.55 8.96 16.73
C ASP A 143 -1.26 9.49 15.49
N GLY A 144 -0.82 9.08 14.31
CA GLY A 144 -1.47 9.57 13.11
C GLY A 144 -0.82 9.10 11.82
N VAL A 145 -1.28 9.68 10.72
CA VAL A 145 -0.79 9.33 9.39
C VAL A 145 -0.53 10.55 8.52
N LEU A 146 0.55 10.50 7.75
CA LEU A 146 0.91 11.57 6.83
C LEU A 146 -0.01 11.48 5.62
N ILE A 147 -0.44 12.63 5.10
CA ILE A 147 -1.31 12.63 3.93
C ILE A 147 -0.76 13.59 2.89
N SER A 148 -1.16 13.37 1.64
CA SER A 148 -0.73 14.19 0.50
C SER A 148 0.79 14.38 0.46
N GLU A 149 1.51 13.26 0.40
CA GLU A 149 2.96 13.27 0.33
C GLU A 149 3.66 14.07 1.42
N GLY A 150 3.14 14.01 2.64
CA GLY A 150 3.75 14.72 3.74
C GLY A 150 3.31 16.15 4.00
N GLN A 151 2.32 16.62 3.24
CA GLN A 151 1.82 17.98 3.42
C GLN A 151 0.94 18.12 4.65
N GLY A 152 0.38 17.01 5.09
CA GLY A 152 -0.47 17.04 6.26
C GLY A 152 -0.26 15.82 7.13
N PHE A 153 -0.81 15.89 8.33
CA PHE A 153 -0.73 14.80 9.28
C PHE A 153 -2.09 14.77 9.94
N MET A 154 -2.82 13.67 9.79
CA MET A 154 -4.14 13.55 10.38
C MET A 154 -4.03 12.62 11.57
N THR A 155 -4.44 13.11 12.74
CA THR A 155 -4.35 12.30 13.95
C THR A 155 -5.29 11.11 13.94
N ARG A 156 -4.81 10.04 14.55
CA ARG A 156 -5.54 8.79 14.67
C ARG A 156 -6.81 9.02 15.49
N GLU A 157 -6.70 9.84 16.53
CA GLU A 157 -7.86 10.12 17.38
C GLU A 157 -8.97 10.76 16.58
N PHE A 158 -8.61 11.77 15.79
CA PHE A 158 -9.60 12.46 14.96
C PHE A 158 -10.25 11.51 13.98
N LEU A 159 -9.46 10.60 13.41
CA LEU A 159 -9.96 9.62 12.45
C LEU A 159 -10.97 8.64 13.04
N LYS A 160 -10.85 8.33 14.32
CA LYS A 160 -11.80 7.40 14.92
C LYS A 160 -12.93 8.15 15.62
N SER A 161 -12.81 9.49 15.65
CA SER A 161 -13.84 10.31 16.29
C SER A 161 -14.92 10.63 15.27
N LEU A 162 -14.80 10.05 14.09
CA LEU A 162 -15.78 10.26 13.04
C LEU A 162 -17.01 9.45 13.37
N ARG A 163 -18.18 9.93 12.92
CA ARG A 163 -19.43 9.24 13.18
C ARG A 163 -19.47 7.91 12.44
N LYS A 164 -20.35 7.02 12.88
CA LYS A 164 -20.49 5.70 12.29
C LYS A 164 -20.90 5.75 10.82
N PRO A 165 -20.34 4.85 9.99
CA PRO A 165 -19.36 3.79 10.31
C PRO A 165 -17.90 4.21 10.08
N PHE A 166 -17.72 5.47 9.68
CA PHE A 166 -16.40 6.00 9.37
C PHE A 166 -15.37 6.14 10.50
N GLY A 167 -15.82 6.07 11.75
CA GLY A 167 -14.88 6.21 12.85
C GLY A 167 -14.09 4.95 13.16
N ASP A 168 -14.35 3.90 12.41
CA ASP A 168 -13.66 2.63 12.61
C ASP A 168 -12.86 2.27 11.36
N PHE A 169 -13.07 3.08 10.33
CA PHE A 169 -12.45 2.91 9.03
C PHE A 169 -10.97 2.52 9.04
N MET A 170 -10.15 3.28 9.74
CA MET A 170 -8.72 3.02 9.74
C MET A 170 -8.04 2.37 10.92
N GLU A 171 -8.77 2.18 12.01
CA GLU A 171 -8.18 1.57 13.20
C GLU A 171 -7.47 0.25 12.87
N PRO A 172 -8.08 -0.60 12.02
CA PRO A 172 -7.43 -1.87 11.68
C PRO A 172 -6.10 -1.67 10.95
N LYS A 173 -5.97 -0.55 10.25
CA LYS A 173 -4.76 -0.24 9.50
C LYS A 173 -3.68 0.30 10.42
N PHE A 174 -4.08 1.12 11.39
CA PHE A 174 -3.15 1.66 12.36
C PHE A 174 -2.63 0.51 13.22
N GLU A 175 -3.53 -0.40 13.62
CA GLU A 175 -3.11 -1.53 14.43
C GLU A 175 -2.09 -2.39 13.70
N PHE A 176 -2.34 -2.61 12.42
CA PHE A 176 -1.42 -3.39 11.60
C PHE A 176 -0.06 -2.69 11.48
N ALA A 177 -0.09 -1.39 11.19
CA ALA A 177 1.12 -0.61 11.01
C ALA A 177 2.04 -0.56 12.22
N VAL A 178 1.48 -0.36 13.41
CA VAL A 178 2.31 -0.31 14.59
C VAL A 178 3.10 -1.59 14.73
N LYS A 179 2.44 -2.72 14.55
CA LYS A 179 3.11 -4.00 14.65
C LYS A 179 4.10 -4.21 13.49
N PHE A 180 3.67 -3.83 12.29
CA PHE A 180 4.52 -4.00 11.12
C PHE A 180 5.78 -3.14 11.23
N ASN A 181 5.61 -1.89 11.65
CA ASN A 181 6.75 -0.99 11.79
C ASN A 181 7.71 -1.41 12.89
N ALA A 182 7.24 -2.24 13.83
CA ALA A 182 8.09 -2.72 14.90
C ALA A 182 9.17 -3.65 14.35
N LEU A 183 8.96 -4.12 13.12
CA LEU A 183 9.91 -5.01 12.45
C LEU A 183 11.07 -4.21 11.82
N GLU A 184 10.91 -2.90 11.79
CA GLU A 184 11.92 -1.97 11.28
C GLU A 184 12.46 -2.25 9.87
N LEU A 185 11.57 -2.56 8.94
CA LEU A 185 12.02 -2.79 7.58
C LEU A 185 12.38 -1.44 6.96
N ASP A 186 13.25 -1.47 5.95
CA ASP A 186 13.61 -0.23 5.28
C ASP A 186 13.06 -0.33 3.86
N ASP A 187 13.27 0.70 3.05
CA ASP A 187 12.77 0.71 1.69
C ASP A 187 13.30 -0.44 0.82
N SER A 188 14.53 -0.86 1.07
CA SER A 188 15.10 -1.95 0.29
C SER A 188 14.36 -3.27 0.61
N ASP A 189 14.01 -3.47 1.88
CA ASP A 189 13.28 -4.69 2.26
C ASP A 189 11.88 -4.63 1.63
N LEU A 190 11.24 -3.49 1.79
CA LEU A 190 9.89 -3.29 1.29
C LEU A 190 9.74 -3.50 -0.22
N ALA A 191 10.71 -3.05 -1.00
CA ALA A 191 10.60 -3.21 -2.44
C ALA A 191 10.41 -4.69 -2.80
N ILE A 192 11.16 -5.56 -2.16
CA ILE A 192 11.06 -6.99 -2.49
C ILE A 192 9.77 -7.59 -1.89
N PHE A 193 9.45 -7.19 -0.67
CA PHE A 193 8.24 -7.66 0.01
C PHE A 193 7.01 -7.38 -0.88
N ILE A 194 6.93 -6.17 -1.39
CA ILE A 194 5.81 -5.76 -2.25
C ILE A 194 5.79 -6.59 -3.54
N ALA A 195 6.96 -6.79 -4.12
CA ALA A 195 7.06 -7.55 -5.36
C ALA A 195 6.54 -8.99 -5.16
N VAL A 196 6.91 -9.60 -4.03
CA VAL A 196 6.44 -10.96 -3.73
C VAL A 196 4.92 -11.02 -3.70
N ILE A 197 4.30 -10.08 -3.00
CA ILE A 197 2.83 -10.05 -2.89
C ILE A 197 2.15 -9.87 -4.25
N ILE A 198 2.67 -9.00 -5.08
CA ILE A 198 2.04 -8.76 -6.37
C ILE A 198 2.07 -10.04 -7.21
N LEU A 199 3.18 -10.76 -7.15
CA LEU A 199 3.33 -11.99 -7.93
C LEU A 199 2.75 -13.21 -7.19
N SER A 200 1.51 -13.07 -6.72
CA SER A 200 0.85 -14.17 -6.01
C SER A 200 0.11 -15.07 -6.99
N GLY A 201 0.53 -16.33 -7.07
CA GLY A 201 -0.09 -17.25 -8.01
C GLY A 201 -1.45 -17.82 -7.62
N ASP A 202 -1.94 -17.44 -6.44
CA ASP A 202 -3.23 -17.95 -5.99
C ASP A 202 -4.40 -16.98 -6.15
N ARG A 203 -4.19 -15.90 -6.91
CA ARG A 203 -5.28 -14.94 -7.13
C ARG A 203 -6.35 -15.61 -7.99
N PRO A 204 -7.62 -15.27 -7.75
CA PRO A 204 -8.71 -15.86 -8.53
C PRO A 204 -8.68 -15.57 -10.03
N GLY A 205 -8.87 -16.61 -10.83
CA GLY A 205 -8.93 -16.44 -12.26
C GLY A 205 -7.66 -16.28 -13.07
N LEU A 206 -6.49 -16.53 -12.46
CA LEU A 206 -5.25 -16.43 -13.20
C LEU A 206 -5.24 -17.53 -14.26
N LEU A 207 -4.85 -17.17 -15.48
CA LEU A 207 -4.83 -18.12 -16.59
C LEU A 207 -3.58 -18.99 -16.67
N ASN A 208 -2.43 -18.42 -16.32
CA ASN A 208 -1.17 -19.15 -16.37
C ASN A 208 -0.43 -18.92 -15.06
N VAL A 209 -0.64 -19.82 -14.11
CA VAL A 209 -0.02 -19.72 -12.79
C VAL A 209 1.48 -20.00 -12.73
N LYS A 210 1.94 -20.98 -13.50
CA LYS A 210 3.36 -21.38 -13.49
C LYS A 210 4.39 -20.26 -13.65
N PRO A 211 4.25 -19.41 -14.68
CA PRO A 211 5.23 -18.32 -14.84
C PRO A 211 5.20 -17.32 -13.69
N ILE A 212 4.02 -17.12 -13.12
CA ILE A 212 3.88 -16.21 -12.00
C ILE A 212 4.60 -16.81 -10.79
N GLU A 213 4.35 -18.08 -10.53
CA GLU A 213 5.00 -18.78 -9.43
C GLU A 213 6.51 -18.84 -9.58
N ASP A 214 6.99 -19.01 -10.82
CA ASP A 214 8.44 -19.07 -11.00
C ASP A 214 9.06 -17.71 -10.66
N ILE A 215 8.39 -16.63 -11.03
CA ILE A 215 8.90 -15.30 -10.73
C ILE A 215 8.86 -15.10 -9.21
N GLN A 216 7.73 -15.43 -8.59
CA GLN A 216 7.60 -15.24 -7.14
C GLN A 216 8.61 -16.08 -6.36
N ASP A 217 8.90 -17.29 -6.83
CA ASP A 217 9.87 -18.13 -6.14
C ASP A 217 11.23 -17.46 -6.13
N ASN A 218 11.57 -16.79 -7.24
CA ASN A 218 12.85 -16.12 -7.33
C ASN A 218 12.82 -14.89 -6.42
N LEU A 219 11.68 -14.20 -6.41
CA LEU A 219 11.53 -13.02 -5.56
C LEU A 219 11.61 -13.41 -4.09
N LEU A 220 11.06 -14.57 -3.74
CA LEU A 220 11.11 -15.03 -2.36
C LEU A 220 12.54 -15.36 -1.96
N GLN A 221 13.31 -15.94 -2.87
CA GLN A 221 14.73 -16.23 -2.58
C GLN A 221 15.47 -14.90 -2.36
N ALA A 222 15.11 -13.89 -3.14
CA ALA A 222 15.75 -12.58 -3.02
C ALA A 222 15.39 -11.93 -1.69
N LEU A 223 14.13 -12.09 -1.26
CA LEU A 223 13.69 -11.51 0.02
C LEU A 223 14.41 -12.21 1.17
N GLU A 224 14.49 -13.52 1.10
CA GLU A 224 15.16 -14.25 2.16
C GLU A 224 16.60 -13.77 2.33
N LEU A 225 17.34 -13.69 1.22
CA LEU A 225 18.73 -13.25 1.29
C LEU A 225 18.81 -11.80 1.78
N GLN A 226 17.90 -10.95 1.29
CA GLN A 226 17.88 -9.55 1.71
C GLN A 226 17.75 -9.44 3.23
N LEU A 227 16.80 -10.18 3.81
CA LEU A 227 16.59 -10.15 5.25
C LEU A 227 17.76 -10.72 6.06
N LYS A 228 18.40 -11.76 5.54
CA LYS A 228 19.54 -12.34 6.23
C LYS A 228 20.72 -11.37 6.25
N LEU A 229 20.88 -10.62 5.16
CA LEU A 229 21.98 -9.67 5.09
C LEU A 229 21.68 -8.34 5.80
N ASN A 230 20.47 -7.84 5.63
CA ASN A 230 20.08 -6.54 6.19
C ASN A 230 19.64 -6.58 7.66
N HIS A 231 19.18 -7.75 8.12
CA HIS A 231 18.70 -7.92 9.50
C HIS A 231 19.28 -9.24 10.02
N PRO A 232 20.61 -9.35 10.07
CA PRO A 232 21.23 -10.59 10.55
C PRO A 232 20.83 -11.06 11.94
N GLU A 233 20.51 -10.13 12.83
CA GLU A 233 20.12 -10.49 14.19
C GLU A 233 18.63 -10.77 14.34
N SER A 234 17.84 -10.30 13.38
CA SER A 234 16.39 -10.46 13.42
C SER A 234 15.97 -11.89 13.12
N SER A 235 15.91 -12.67 14.18
CA SER A 235 15.53 -14.06 14.09
C SER A 235 14.13 -14.25 13.50
N GLN A 236 14.07 -15.13 12.50
CA GLN A 236 12.84 -15.51 11.82
C GLN A 236 12.09 -14.36 11.13
N LEU A 237 12.81 -13.32 10.73
CA LEU A 237 12.15 -12.18 10.08
C LEU A 237 11.41 -12.61 8.82
N PHE A 238 12.01 -13.53 8.07
CA PHE A 238 11.39 -14.00 6.83
C PHE A 238 10.03 -14.63 7.17
N ALA A 239 10.00 -15.54 8.14
CA ALA A 239 8.75 -16.18 8.53
C ALA A 239 7.74 -15.13 8.97
N LYS A 240 8.21 -14.12 9.69
CA LYS A 240 7.31 -13.07 10.15
C LYS A 240 6.71 -12.34 8.95
N LEU A 241 7.51 -12.05 7.92
CA LEU A 241 6.96 -11.35 6.78
C LEU A 241 5.97 -12.21 6.00
N LEU A 242 6.22 -13.51 5.91
CA LEU A 242 5.26 -14.36 5.22
C LEU A 242 3.92 -14.24 5.95
N GLN A 243 3.98 -14.18 7.29
CA GLN A 243 2.74 -14.06 8.06
C GLN A 243 2.06 -12.70 7.83
N LYS A 244 2.85 -11.64 7.69
CA LYS A 244 2.28 -10.32 7.45
C LYS A 244 1.52 -10.31 6.12
N MET A 245 1.99 -11.12 5.16
CA MET A 245 1.32 -11.21 3.88
C MET A 245 -0.09 -11.75 4.09
N THR A 246 -0.20 -12.74 4.98
CA THR A 246 -1.50 -13.32 5.31
C THR A 246 -2.33 -12.28 6.07
N ASP A 247 -1.68 -11.57 6.99
CA ASP A 247 -2.37 -10.54 7.76
C ASP A 247 -2.96 -9.47 6.87
N LEU A 248 -2.23 -9.09 5.82
CA LEU A 248 -2.71 -8.05 4.91
C LEU A 248 -3.98 -8.48 4.18
N ARG A 249 -4.08 -9.76 3.83
CA ARG A 249 -5.28 -10.21 3.13
C ARG A 249 -6.48 -10.11 4.05
N GLN A 250 -6.26 -10.31 5.35
CA GLN A 250 -7.35 -10.21 6.30
C GLN A 250 -7.79 -8.76 6.44
N ILE A 251 -6.83 -7.84 6.35
CA ILE A 251 -7.14 -6.42 6.45
C ILE A 251 -8.01 -6.01 5.27
N VAL A 252 -7.65 -6.46 4.07
CA VAL A 252 -8.42 -6.13 2.88
C VAL A 252 -9.83 -6.71 2.99
N THR A 253 -9.91 -7.94 3.50
CA THR A 253 -11.20 -8.58 3.68
C THR A 253 -12.12 -7.73 4.53
N GLU A 254 -11.60 -7.23 5.66
CA GLU A 254 -12.39 -6.40 6.56
C GLU A 254 -12.75 -5.06 5.93
N HIS A 255 -11.82 -4.51 5.17
CA HIS A 255 -12.04 -3.23 4.49
C HIS A 255 -13.17 -3.41 3.49
N VAL A 256 -13.11 -4.48 2.71
CA VAL A 256 -14.14 -4.76 1.71
C VAL A 256 -15.51 -4.88 2.38
N GLN A 257 -15.55 -5.58 3.51
CA GLN A 257 -16.81 -5.75 4.24
C GLN A 257 -17.34 -4.42 4.73
N LEU A 258 -16.46 -3.56 5.22
CA LEU A 258 -16.87 -2.25 5.71
C LEU A 258 -17.40 -1.40 4.56
N LEU A 259 -16.87 -1.64 3.37
CA LEU A 259 -17.31 -0.90 2.19
C LEU A 259 -18.76 -1.25 1.92
N GLN A 260 -19.03 -2.54 1.84
CA GLN A 260 -20.39 -3.02 1.59
C GLN A 260 -21.36 -2.42 2.59
N VAL A 261 -20.92 -2.33 3.84
CA VAL A 261 -21.73 -1.77 4.91
C VAL A 261 -21.97 -0.28 4.64
N ILE A 262 -20.98 0.37 4.04
CA ILE A 262 -21.08 1.79 3.72
C ILE A 262 -21.98 2.03 2.51
N LYS A 263 -21.78 1.24 1.46
CA LYS A 263 -22.58 1.38 0.25
C LYS A 263 -24.02 0.93 0.50
N LYS A 264 -24.23 0.23 1.61
CA LYS A 264 -25.55 -0.27 1.98
C LYS A 264 -26.33 0.74 2.81
N THR A 265 -25.70 1.84 3.18
CA THR A 265 -26.36 2.87 3.98
C THR A 265 -25.98 4.28 3.55
N GLU A 266 -24.88 4.41 2.83
CA GLU A 266 -24.43 5.71 2.36
C GLU A 266 -24.70 5.81 0.87
N THR A 267 -25.74 6.56 0.53
CA THR A 267 -26.13 6.74 -0.87
C THR A 267 -25.57 8.07 -1.37
N ASP A 268 -25.77 8.33 -2.66
CA ASP A 268 -25.30 9.56 -3.28
C ASP A 268 -23.77 9.55 -3.37
N MET A 269 -23.16 8.56 -2.71
CA MET A 269 -21.70 8.41 -2.71
C MET A 269 -21.24 7.76 -4.02
N SER A 270 -20.50 8.52 -4.82
CA SER A 270 -19.99 7.98 -6.08
C SER A 270 -18.60 7.42 -5.86
N LEU A 271 -18.31 6.29 -6.49
CA LEU A 271 -17.01 5.64 -6.35
C LEU A 271 -16.20 5.85 -7.62
N HIS A 272 -14.92 6.17 -7.47
CA HIS A 272 -14.05 6.38 -8.62
C HIS A 272 -14.10 5.12 -9.48
N PRO A 273 -14.21 5.28 -10.81
CA PRO A 273 -14.27 4.11 -11.71
C PRO A 273 -13.11 3.13 -11.57
N LEU A 274 -11.91 3.62 -11.26
CA LEU A 274 -10.77 2.71 -11.11
C LEU A 274 -11.03 1.80 -9.90
N LEU A 275 -11.60 2.37 -8.83
CA LEU A 275 -11.91 1.56 -7.66
C LEU A 275 -13.13 0.67 -7.92
N GLN A 276 -14.07 1.14 -8.73
CA GLN A 276 -15.25 0.34 -9.02
C GLN A 276 -14.80 -0.93 -9.73
N GLU A 277 -13.80 -0.78 -10.58
CA GLU A 277 -13.25 -1.91 -11.34
C GLU A 277 -12.60 -2.92 -10.40
N ILE A 278 -11.81 -2.42 -9.46
CA ILE A 278 -11.12 -3.27 -8.51
C ILE A 278 -12.07 -3.93 -7.53
N TYR A 279 -13.06 -3.19 -7.03
CA TYR A 279 -13.99 -3.73 -6.06
C TYR A 279 -15.02 -4.69 -6.66
N LYS A 280 -15.16 -4.64 -7.98
CA LYS A 280 -16.12 -5.49 -8.69
C LYS A 280 -15.72 -6.96 -8.58
N ASP A 281 -16.69 -7.80 -8.25
CA ASP A 281 -16.45 -9.24 -8.14
C ASP A 281 -15.24 -9.45 -7.22
N LEU A 282 -15.20 -8.68 -6.13
CA LEU A 282 -14.11 -8.76 -5.16
C LEU A 282 -14.60 -8.26 -3.80
N SER B 7 -10.44 -2.70 -19.78
CA SER B 7 -10.59 -2.13 -18.41
C SER B 7 -9.60 -1.00 -18.20
N LEU B 8 -9.77 -0.29 -17.09
CA LEU B 8 -8.89 0.83 -16.77
C LEU B 8 -7.51 0.31 -16.38
N LEU B 9 -7.47 -0.77 -15.62
CA LEU B 9 -6.20 -1.35 -15.21
C LEU B 9 -5.41 -1.78 -16.45
N LYS B 10 -6.10 -2.38 -17.41
CA LYS B 10 -5.45 -2.81 -18.64
C LYS B 10 -4.84 -1.59 -19.36
N LYS B 11 -5.58 -0.49 -19.39
CA LYS B 11 -5.06 0.71 -20.04
C LYS B 11 -3.81 1.26 -19.34
N LEU B 12 -3.83 1.27 -18.01
CA LEU B 12 -2.67 1.74 -17.26
C LEU B 12 -1.46 0.86 -17.53
N LEU B 13 -1.70 -0.44 -17.64
CA LEU B 13 -0.65 -1.41 -17.88
C LEU B 13 0.00 -1.29 -19.26
N LEU B 14 -0.77 -0.81 -20.24
CA LEU B 14 -0.30 -0.70 -21.61
C LEU B 14 0.47 0.57 -21.95
N ALA B 15 0.28 1.61 -21.16
CA ALA B 15 0.97 2.87 -21.43
C ALA B 15 2.45 2.80 -21.07
N PRO B 16 3.34 3.01 -22.05
CA PRO B 16 4.78 2.94 -21.74
C PRO B 16 5.22 4.11 -20.86
C1 RTE C . -8.07 17.38 4.22
C1 RTE C . -8.51 17.42 4.36
C2 RTE C . -9.29 17.10 3.61
C2 RTE C . -7.50 16.50 4.41
C3 RTE C . -9.71 15.79 3.42
C3 RTE C . -7.71 15.16 4.14
C4 RTE C . -8.88 14.75 3.85
C4 RTE C . -8.99 14.74 3.81
C5 RTE C . -7.65 15.04 4.47
C5 RTE C . -10.04 15.69 3.75
C6 RTE C . -7.25 16.36 4.66
C6 RTE C . -9.80 17.02 4.03
O7 RTE C . -9.29 13.43 3.67
O7 RTE C . -9.31 13.40 3.52
C8 RTE C . -8.22 12.61 3.34
C8 RTE C . -8.21 12.60 3.22
F9 RTE C . -10.06 18.10 3.19
F9 RTE C . -6.25 16.91 4.74
C10 RTE C . -7.80 11.63 4.24
C10 RTE C . -7.80 11.62 4.15
C11 RTE C . -6.75 10.80 3.91
C11 RTE C . -6.74 10.82 3.86
C12 RTE C . -6.08 10.96 2.66
C12 RTE C . -6.04 10.96 2.61
C13 RTE C . -6.49 11.92 1.77
C13 RTE C . -6.44 11.90 1.70
C14 RTE C . -7.57 12.75 2.11
C14 RTE C . -7.54 12.73 1.99
N15 RTE C . -6.11 9.77 4.59
N15 RTE C . -6.10 9.78 4.55
C16 RTE C . -5.14 9.34 3.77
C16 RTE C . -5.12 9.36 3.76
N17 RTE C . -5.07 10.00 2.61
N17 RTE C . -5.03 10.02 2.61
C18 RTE C . -6.49 9.29 5.92
C18 RTE C . -6.52 9.33 5.89
C19 RTE C . -4.20 8.20 4.11
C19 RTE C . -4.17 8.24 4.14
O20 RTE C . -4.92 7.15 4.70
O20 RTE C . -4.90 7.17 4.72
C21 RTE C . -5.35 6.23 3.74
C21 RTE C . -5.33 6.25 3.76
C22 RTE C . -6.27 5.25 4.12
C22 RTE C . -6.25 5.27 4.13
C23 RTE C . -6.73 4.31 3.19
C23 RTE C . -6.70 4.35 3.20
C24 RTE C . -6.26 4.35 1.88
C24 RTE C . -6.23 4.38 1.89
C25 RTE C . -5.34 5.33 1.50
C25 RTE C . -5.31 5.36 1.51
C26 RTE C . -4.89 6.26 2.43
C26 RTE C . -4.86 6.29 2.44
C27 RTE C . -7.69 3.30 3.60
C27 RTE C . -7.66 3.32 3.60
O28 RTE C . -8.21 2.55 2.60
O28 RTE C . -8.19 2.59 2.60
O29 RTE C . -7.95 3.14 4.75
O29 RTE C . -7.94 3.15 4.75
CL1 RTE C . -7.57 19.02 4.45
CL1 RTE C . -8.20 19.08 4.71
CL CL D . 5.14 3.15 14.42
CL CL E . -6.93 -13.18 -3.43
#